data_2WKF
#
_entry.id   2WKF
#
_cell.length_a   83.291
_cell.length_b   83.291
_cell.length_c   83.291
_cell.angle_alpha   90.00
_cell.angle_beta   90.00
_cell.angle_gamma   90.00
#
_symmetry.space_group_name_H-M   'P 21 3'
#
loop_
_entity.id
_entity.type
_entity.pdbx_description
1 polymer 'MACROPHAGE MIGRATION INHIBITORY FACTOR'
2 polymer 'MACROPHAGE MIGRATION INHIBITORY FACTOR'
3 non-polymer GLYCEROL
4 water water
#
loop_
_entity_poly.entity_id
_entity_poly.type
_entity_poly.pdbx_seq_one_letter_code
_entity_poly.pdbx_strand_id
1 'polypeptide(L)'
;PCCEVITNVNLPDDNVQSTLSQIENAISDVMGKPLGYIMSNYDYQKNLRFGGSNEAYCFVRITSIGGINRSNNSALADQI
TKLLVSNLNVKSRRIYVEFRDCSAQNFAFSGSLFGGSRSHHHHHH
;
A
2 'polypeptide(L)'
;P(CME)CEVITNVNLPDDNVQSTLSQIENAISDVMGKPLGYIMSNYDYQKNLRFGGSNEAYCFVRITSIGGINRSNNSAL
ADQITKLLVSNLNVKSRRIYVEFRDCSAQNFAFSGSLFGGSRSHHHHHH
;
B
#
loop_
_chem_comp.id
_chem_comp.type
_chem_comp.name
_chem_comp.formula
GOL non-polymer GLYCEROL 'C3 H8 O3'
#
# COMPACT_ATOMS: atom_id res chain seq x y z
N PRO A 1 -1.55 -2.03 -3.43
CA PRO A 1 -1.38 -2.65 -4.77
C PRO A 1 -1.33 -4.19 -4.78
N CYS A 2 -1.33 -4.79 -5.97
CA CYS A 2 -1.27 -6.22 -6.18
CA CYS A 2 -1.28 -6.24 -6.11
C CYS A 2 -0.16 -6.74 -7.01
N CYS A 3 0.51 -7.81 -6.60
CA CYS A 3 1.62 -8.38 -7.36
C CYS A 3 1.32 -9.88 -7.55
N GLU A 4 1.06 -10.30 -8.78
CA GLU A 4 0.76 -11.67 -9.08
C GLU A 4 2.01 -12.20 -9.82
N VAL A 5 2.64 -13.25 -9.30
CA VAL A 5 3.73 -13.89 -10.02
C VAL A 5 3.08 -15.11 -10.67
N ILE A 6 3.12 -15.18 -11.99
CA ILE A 6 2.60 -16.37 -12.70
C ILE A 6 3.80 -17.09 -13.31
N THR A 7 4.10 -18.29 -12.83
CA THR A 7 5.30 -18.94 -13.24
C THR A 7 5.14 -20.44 -13.37
N ASN A 8 5.99 -21.08 -14.19
CA ASN A 8 6.06 -22.56 -14.19
C ASN A 8 7.21 -23.14 -13.36
N VAL A 9 7.84 -22.27 -12.58
CA VAL A 9 8.86 -22.72 -11.59
C VAL A 9 8.17 -23.31 -10.34
N ASN A 10 8.32 -24.63 -10.11
CA ASN A 10 7.78 -25.31 -8.93
C ASN A 10 8.63 -24.93 -7.72
N LEU A 11 8.08 -24.17 -6.81
CA LEU A 11 8.90 -23.77 -5.66
C LEU A 11 8.12 -24.20 -4.43
N PRO A 12 8.81 -24.75 -3.40
CA PRO A 12 8.10 -25.12 -2.18
C PRO A 12 7.48 -23.91 -1.51
N ASP A 13 6.46 -24.17 -0.69
CA ASP A 13 5.73 -23.13 0.03
C ASP A 13 6.56 -22.14 0.86
N ASP A 14 7.48 -22.62 1.68
CA ASP A 14 8.37 -21.68 2.42
C ASP A 14 9.15 -20.75 1.49
N ASN A 15 9.67 -21.30 0.39
CA ASN A 15 10.44 -20.46 -0.56
C ASN A 15 9.50 -19.45 -1.25
N VAL A 16 8.33 -19.93 -1.63
CA VAL A 16 7.27 -19.05 -2.14
C VAL A 16 6.90 -17.89 -1.18
N GLN A 17 6.57 -18.24 0.08
CA GLN A 17 6.23 -17.25 1.09
C GLN A 17 7.37 -16.21 1.32
N SER A 18 8.63 -16.65 1.43
CA SER A 18 9.72 -15.70 1.69
C SER A 18 9.96 -14.81 0.48
N THR A 19 9.94 -15.39 -0.72
CA THR A 19 10.02 -14.64 -1.96
C THR A 19 8.94 -13.54 -2.10
N LEU A 20 7.68 -13.91 -1.86
CA LEU A 20 6.57 -12.93 -1.91
C LEU A 20 6.77 -11.85 -0.88
N SER A 21 7.21 -12.27 0.30
CA SER A 21 7.56 -11.28 1.34
C SER A 21 8.66 -10.27 0.91
N GLN A 22 9.73 -10.75 0.30
CA GLN A 22 10.80 -9.81 -0.15
C GLN A 22 10.22 -8.89 -1.20
N ILE A 23 9.37 -9.43 -2.06
CA ILE A 23 8.71 -8.63 -3.08
C ILE A 23 7.75 -7.55 -2.52
N GLU A 24 6.96 -7.93 -1.52
CA GLU A 24 6.16 -6.97 -0.84
C GLU A 24 7.05 -5.89 -0.25
N ASN A 25 8.18 -6.27 0.36
CA ASN A 25 9.02 -5.25 1.00
CA ASN A 25 9.10 -5.26 1.00
C ASN A 25 9.56 -4.27 -0.03
N ALA A 26 9.87 -4.78 -1.23
CA ALA A 26 10.32 -3.86 -2.30
C ALA A 26 9.16 -2.89 -2.77
N ILE A 27 7.97 -3.42 -2.97
CA ILE A 27 6.80 -2.58 -3.30
C ILE A 27 6.65 -1.49 -2.27
N SER A 28 6.61 -1.89 -1.01
CA SER A 28 6.45 -0.96 0.08
C SER A 28 7.54 0.08 -0.04
N ASP A 29 8.76 -0.41 -0.21
CA ASP A 29 9.90 0.49 -0.19
C ASP A 29 9.78 1.43 -1.38
N VAL A 30 9.80 0.90 -2.59
CA VAL A 30 9.80 1.72 -3.80
C VAL A 30 8.59 2.61 -3.91
N MET A 31 7.42 2.05 -3.66
CA MET A 31 6.18 2.78 -3.86
C MET A 31 5.70 3.61 -2.63
N GLY A 32 6.36 3.50 -1.48
CA GLY A 32 5.98 4.33 -0.31
C GLY A 32 4.60 3.92 0.22
N LYS A 33 4.38 2.61 0.34
CA LYS A 33 3.05 2.05 0.68
C LYS A 33 3.19 1.06 1.79
N PRO A 34 2.39 1.20 2.88
CA PRO A 34 2.37 0.24 3.99
C PRO A 34 1.98 -1.14 3.49
N LEU A 35 2.52 -2.16 4.18
CA LEU A 35 2.32 -3.54 3.80
C LEU A 35 0.81 -3.89 3.91
N GLY A 36 0.09 -3.24 4.84
CA GLY A 36 -1.39 -3.43 4.91
C GLY A 36 -2.17 -3.14 3.60
N TYR A 37 -1.58 -2.53 2.58
CA TYR A 37 -2.32 -2.34 1.32
C TYR A 37 -1.94 -3.32 0.26
N ILE A 38 -1.09 -4.27 0.60
CA ILE A 38 -0.47 -5.03 -0.48
C ILE A 38 -0.92 -6.47 -0.59
N MET A 39 -1.36 -6.86 -1.79
CA MET A 39 -1.75 -8.25 -2.07
C MET A 39 -0.65 -8.87 -2.92
N SER A 40 -0.25 -10.10 -2.61
CA SER A 40 0.65 -10.78 -3.54
C SER A 40 0.25 -12.25 -3.70
N ASN A 41 0.75 -12.90 -4.73
CA ASN A 41 0.43 -14.28 -5.03
C ASN A 41 1.50 -14.88 -5.94
N TYR A 42 1.65 -16.19 -5.82
CA TYR A 42 2.56 -16.96 -6.65
C TYR A 42 1.61 -18.03 -7.19
N ASP A 43 1.37 -17.98 -8.50
CA ASP A 43 0.42 -18.85 -9.13
C ASP A 43 1.22 -19.77 -9.99
N TYR A 44 1.32 -21.00 -9.50
CA TYR A 44 2.08 -22.05 -10.15
C TYR A 44 1.31 -22.65 -11.36
N GLN A 45 1.81 -22.38 -12.58
CA GLN A 45 1.16 -22.80 -13.84
C GLN A 45 2.11 -23.69 -14.65
N LYS A 46 2.13 -24.99 -14.35
CA LYS A 46 3.21 -25.88 -14.83
C LYS A 46 3.31 -25.91 -16.37
N ASN A 47 2.18 -25.66 -17.01
CA ASN A 47 2.07 -25.67 -18.47
C ASN A 47 2.36 -24.34 -19.15
N LEU A 48 2.76 -23.35 -18.35
CA LEU A 48 3.02 -22.01 -18.87
C LEU A 48 4.16 -22.02 -19.89
N ARG A 49 3.96 -21.39 -21.05
CA ARG A 49 4.99 -21.30 -22.13
C ARG A 49 5.28 -19.85 -22.54
N PHE A 50 6.53 -19.58 -22.91
CA PHE A 50 6.84 -18.33 -23.58
C PHE A 50 7.87 -18.62 -24.69
N GLY A 51 7.71 -17.99 -25.86
CA GLY A 51 8.67 -18.21 -26.99
C GLY A 51 8.65 -19.60 -27.56
N GLY A 52 7.51 -20.31 -27.43
CA GLY A 52 7.40 -21.71 -27.94
C GLY A 52 8.04 -22.74 -27.02
N SER A 53 8.29 -22.33 -25.79
CA SER A 53 9.04 -23.16 -24.86
C SER A 53 8.44 -23.15 -23.44
N ASN A 54 8.35 -24.35 -22.85
CA ASN A 54 7.87 -24.59 -21.50
C ASN A 54 8.99 -24.52 -20.44
N GLU A 55 10.13 -23.93 -20.78
CA GLU A 55 11.19 -23.80 -19.82
C GLU A 55 10.83 -22.71 -18.82
N ALA A 56 11.55 -22.67 -17.71
CA ALA A 56 11.18 -21.83 -16.59
C ALA A 56 11.01 -20.40 -17.04
N TYR A 57 9.93 -19.79 -16.55
CA TYR A 57 9.46 -18.51 -17.03
C TYR A 57 8.60 -17.88 -15.98
N CYS A 58 8.72 -16.57 -15.81
CA CYS A 58 7.88 -15.85 -14.88
C CYS A 58 7.21 -14.64 -15.53
N PHE A 59 5.90 -14.57 -15.41
CA PHE A 59 5.12 -13.39 -15.81
C PHE A 59 4.65 -12.64 -14.55
N VAL A 60 5.07 -11.40 -14.40
CA VAL A 60 4.78 -10.70 -13.15
C VAL A 60 3.81 -9.56 -13.47
N ARG A 61 2.68 -9.60 -12.82
CA ARG A 61 1.68 -8.56 -13.01
C ARG A 61 1.50 -7.69 -11.77
N ILE A 62 1.77 -6.40 -11.94
CA ILE A 62 1.69 -5.41 -10.86
C ILE A 62 0.57 -4.38 -11.10
N THR A 63 -0.42 -4.44 -10.22
CA THR A 63 -1.56 -3.58 -10.38
C THR A 63 -1.58 -2.63 -9.21
N SER A 64 -1.53 -1.33 -9.52
CA SER A 64 -1.63 -0.28 -8.51
C SER A 64 -2.67 0.76 -8.93
N ILE A 65 -2.85 1.79 -8.11
CA ILE A 65 -3.64 2.94 -8.49
C ILE A 65 -2.90 4.22 -8.12
N GLY A 66 -1.74 4.46 -8.73
CA GLY A 66 -1.14 3.58 -9.73
C GLY A 66 -1.00 4.24 -11.09
N GLY A 67 -0.16 3.68 -11.95
CA GLY A 67 0.05 4.26 -13.28
C GLY A 67 0.64 5.66 -13.22
N ILE A 68 1.22 5.98 -12.05
CA ILE A 68 1.77 7.31 -11.77
C ILE A 68 3.27 7.57 -12.01
N ASN A 69 4.18 6.70 -11.57
CA ASN A 69 5.60 6.97 -11.82
C ASN A 69 6.44 5.96 -12.60
N ARG A 70 7.06 6.46 -13.67
CA ARG A 70 7.96 5.69 -14.51
C ARG A 70 9.28 5.25 -13.84
N SER A 71 9.89 6.13 -13.06
CA SER A 71 11.19 5.81 -12.45
C SER A 71 11.02 4.86 -11.24
N ASN A 72 9.89 5.04 -10.56
CA ASN A 72 9.43 4.10 -9.53
C ASN A 72 9.05 2.76 -10.15
N ASN A 73 8.27 2.80 -11.22
CA ASN A 73 7.93 1.57 -11.97
C ASN A 73 9.14 0.82 -12.52
N SER A 74 10.11 1.58 -13.00
CA SER A 74 11.27 0.99 -13.62
C SER A 74 12.14 0.36 -12.52
N ALA A 75 12.25 1.08 -11.41
CA ALA A 75 13.07 0.63 -10.30
C ALA A 75 12.42 -0.58 -9.60
N LEU A 76 11.11 -0.53 -9.41
CA LEU A 76 10.37 -1.71 -8.91
C LEU A 76 10.54 -2.98 -9.79
N ALA A 77 10.25 -2.90 -11.09
CA ALA A 77 10.50 -4.04 -11.98
C ALA A 77 11.92 -4.56 -11.81
N ASP A 78 12.87 -3.62 -11.70
CA ASP A 78 14.25 -4.04 -11.54
C ASP A 78 14.41 -4.87 -10.22
N GLN A 79 13.87 -4.37 -9.11
CA GLN A 79 14.00 -5.05 -7.85
C GLN A 79 13.33 -6.42 -7.92
N ILE A 80 12.13 -6.48 -8.48
CA ILE A 80 11.38 -7.73 -8.53
C ILE A 80 12.12 -8.73 -9.40
N THR A 81 12.60 -8.28 -10.55
CA THR A 81 13.37 -9.17 -11.43
C THR A 81 14.57 -9.76 -10.73
N LYS A 82 15.31 -8.90 -10.03
CA LYS A 82 16.48 -9.31 -9.29
C LYS A 82 16.06 -10.30 -8.21
N LEU A 83 15.00 -9.96 -7.48
CA LEU A 83 14.48 -10.89 -6.48
C LEU A 83 14.13 -12.27 -7.05
N LEU A 84 13.36 -12.29 -8.13
CA LEU A 84 13.03 -13.53 -8.83
C LEU A 84 14.27 -14.32 -9.36
N VAL A 85 15.16 -13.60 -10.04
CA VAL A 85 16.43 -14.20 -10.47
C VAL A 85 17.17 -14.87 -9.31
N SER A 86 17.18 -14.18 -8.17
CA SER A 86 17.90 -14.66 -7.02
C SER A 86 17.24 -15.84 -6.30
N ASN A 87 15.91 -16.00 -6.41
CA ASN A 87 15.25 -17.09 -5.66
C ASN A 87 14.82 -18.29 -6.51
N LEU A 88 14.74 -18.12 -7.83
CA LEU A 88 14.00 -19.05 -8.67
C LEU A 88 14.70 -20.02 -9.68
N ASN A 89 15.95 -19.72 -10.07
CA ASN A 89 16.65 -20.49 -11.13
C ASN A 89 16.23 -20.14 -12.58
N VAL A 90 15.70 -18.93 -12.75
CA VAL A 90 15.12 -18.42 -13.95
C VAL A 90 16.06 -17.36 -14.49
N LYS A 91 16.23 -17.34 -15.79
CA LYS A 91 17.06 -16.32 -16.43
C LYS A 91 16.30 -15.00 -16.48
N SER A 92 17.01 -13.93 -16.22
CA SER A 92 16.42 -12.60 -16.29
C SER A 92 15.61 -12.43 -17.57
N ARG A 93 16.16 -12.91 -18.70
CA ARG A 93 15.46 -12.78 -19.98
C ARG A 93 14.10 -13.50 -20.05
N ARG A 94 13.87 -14.44 -19.12
CA ARG A 94 12.60 -15.17 -19.02
C ARG A 94 11.67 -14.65 -17.87
N ILE A 95 11.81 -13.37 -17.56
CA ILE A 95 10.92 -12.69 -16.63
C ILE A 95 10.38 -11.50 -17.42
N TYR A 96 9.07 -11.33 -17.36
CA TYR A 96 8.44 -10.19 -17.95
C TYR A 96 7.58 -9.54 -16.84
N VAL A 97 7.78 -8.24 -16.61
CA VAL A 97 7.04 -7.57 -15.60
C VAL A 97 6.11 -6.61 -16.27
N GLU A 98 4.82 -6.72 -15.98
CA GLU A 98 3.84 -5.80 -16.54
C GLU A 98 3.15 -4.97 -15.43
N PHE A 99 2.89 -3.69 -15.75
CA PHE A 99 2.13 -2.79 -14.92
C PHE A 99 0.73 -2.49 -15.48
N ARG A 100 -0.24 -2.34 -14.59
CA ARG A 100 -1.62 -1.98 -14.92
C ARG A 100 -2.30 -1.25 -13.73
N ASP A 101 -3.54 -0.81 -13.97
CA ASP A 101 -4.31 -0.03 -12.97
C ASP A 101 -5.83 -0.28 -12.90
N PRO B 1 -19.96 8.96 13.78
CA PRO B 1 -18.95 8.75 12.74
C PRO B 1 -17.68 9.50 13.09
N CME B 2 -16.53 8.97 12.66
CA CME B 2 -15.28 9.52 13.12
CB CME B 2 -15.02 8.82 14.44
SG CME B 2 -13.32 8.96 14.97
SD CME B 2 -13.39 10.77 15.85
CE CME B 2 -13.91 10.37 17.49
CZ CME B 2 -12.68 10.06 18.37
OH CME B 2 -12.77 8.75 18.94
C CME B 2 -14.15 9.39 12.16
O CME B 2 -13.96 8.33 11.59
N CYS B 3 -13.40 10.47 11.98
CA CYS B 3 -12.05 10.38 11.46
C CYS B 3 -11.01 10.74 12.55
N GLU B 4 -10.15 9.78 12.88
CA GLU B 4 -9.11 9.98 13.87
C GLU B 4 -7.74 9.62 13.35
N VAL B 5 -6.82 10.52 13.63
CA VAL B 5 -5.43 10.34 13.34
C VAL B 5 -4.76 9.97 14.67
N ILE B 6 -4.27 8.74 14.73
CA ILE B 6 -3.55 8.27 15.92
C ILE B 6 -2.10 8.26 15.51
N THR B 7 -1.27 9.06 16.18
CA THR B 7 0.08 9.27 15.67
C THR B 7 1.03 9.54 16.79
N ASN B 8 2.29 9.18 16.57
CA ASN B 8 3.36 9.56 17.50
C ASN B 8 3.99 10.92 17.15
N VAL B 9 3.48 11.61 16.14
CA VAL B 9 3.98 12.95 15.82
C VAL B 9 3.36 14.08 16.72
N ASN B 10 4.23 14.84 17.39
CA ASN B 10 3.79 15.95 18.24
C ASN B 10 3.58 17.21 17.41
N LEU B 11 2.37 17.75 17.41
CA LEU B 11 2.10 18.93 16.57
C LEU B 11 1.40 19.97 17.45
N PRO B 12 1.76 21.26 17.33
CA PRO B 12 1.09 22.28 18.17
C PRO B 12 -0.43 22.35 17.90
N ASP B 13 -1.21 22.63 18.94
CA ASP B 13 -2.67 22.48 18.87
C ASP B 13 -3.24 23.13 17.62
N ASP B 14 -2.66 24.29 17.30
CA ASP B 14 -3.17 25.11 16.25
C ASP B 14 -2.90 24.48 14.86
N ASN B 15 -1.74 23.85 14.74
CA ASN B 15 -1.41 23.07 13.57
C ASN B 15 -2.38 21.86 13.47
N VAL B 16 -2.65 21.24 14.61
CA VAL B 16 -3.57 20.10 14.66
C VAL B 16 -4.91 20.51 14.11
N GLN B 17 -5.42 21.65 14.60
CA GLN B 17 -6.79 22.11 14.27
C GLN B 17 -6.83 22.31 12.77
N SER B 18 -5.71 22.82 12.29
CA SER B 18 -5.56 23.20 10.93
C SER B 18 -5.64 21.96 10.01
N THR B 19 -4.89 20.94 10.40
CA THR B 19 -4.80 19.69 9.66
C THR B 19 -6.13 18.95 9.69
N LEU B 20 -6.80 18.95 10.84
CA LEU B 20 -8.13 18.30 10.89
C LEU B 20 -9.22 19.00 10.04
N SER B 21 -9.17 20.32 9.94
CA SER B 21 -10.14 21.02 9.07
C SER B 21 -9.90 20.63 7.62
N GLN B 22 -8.63 20.54 7.23
CA GLN B 22 -8.28 20.11 5.88
C GLN B 22 -8.75 18.69 5.64
N ILE B 23 -8.52 17.85 6.63
CA ILE B 23 -9.07 16.53 6.54
C ILE B 23 -10.60 16.56 6.43
N GLU B 24 -11.27 17.37 7.26
CA GLU B 24 -12.75 17.46 7.13
C GLU B 24 -13.18 17.95 5.72
N ASN B 25 -12.51 18.97 5.22
CA ASN B 25 -12.70 19.40 3.83
C ASN B 25 -12.48 18.25 2.83
N ALA B 26 -11.43 17.46 3.03
CA ALA B 26 -11.15 16.34 2.13
C ALA B 26 -12.27 15.31 2.11
N ILE B 27 -12.87 15.07 3.25
CA ILE B 27 -14.04 14.17 3.39
C ILE B 27 -15.27 14.78 2.69
N SER B 28 -15.57 16.06 2.94
CA SER B 28 -16.64 16.75 2.19
C SER B 28 -16.49 16.64 0.67
N ASP B 29 -15.33 17.04 0.13
CA ASP B 29 -15.04 17.01 -1.32
C ASP B 29 -15.32 15.62 -1.92
N VAL B 30 -14.72 14.60 -1.31
CA VAL B 30 -14.79 13.23 -1.77
C VAL B 30 -16.23 12.69 -1.82
N MET B 31 -17.14 13.23 -1.02
CA MET B 31 -18.54 12.73 -1.03
C MET B 31 -19.66 13.63 -1.61
N GLY B 32 -19.37 14.91 -1.83
CA GLY B 32 -20.40 15.90 -2.24
C GLY B 32 -21.36 16.17 -1.11
N LYS B 33 -22.61 15.72 -1.27
CA LYS B 33 -23.59 15.76 -0.17
C LYS B 33 -23.63 14.45 0.64
N GLY B 36 -20.34 16.74 7.00
CA GLY B 36 -21.20 17.84 7.48
C GLY B 36 -21.35 17.85 9.01
N TYR B 37 -21.75 16.71 9.56
CA TYR B 37 -21.93 16.56 11.00
C TYR B 37 -21.20 15.32 11.47
N ILE B 38 -19.88 15.42 11.49
CA ILE B 38 -19.00 14.32 11.90
C ILE B 38 -17.90 14.72 12.90
N MET B 39 -17.32 13.73 13.59
CA MET B 39 -16.24 13.97 14.54
C MET B 39 -14.88 13.74 13.88
N SER B 40 -13.90 14.52 14.31
CA SER B 40 -12.49 14.24 13.96
C SER B 40 -11.57 14.53 15.11
N ASN B 41 -10.42 13.87 15.11
CA ASN B 41 -9.58 13.98 16.27
C ASN B 41 -8.18 13.62 15.91
N TYR B 42 -7.24 14.19 16.64
CA TYR B 42 -5.81 13.94 16.47
C TYR B 42 -5.43 13.45 17.81
N ASP B 43 -5.17 12.16 17.92
CA ASP B 43 -4.81 11.52 19.19
C ASP B 43 -3.29 11.27 19.19
N TYR B 44 -2.58 12.13 19.91
CA TYR B 44 -1.12 12.09 20.00
C TYR B 44 -0.78 11.03 20.99
N GLN B 45 -0.13 9.97 20.50
CA GLN B 45 0.23 8.78 21.26
C GLN B 45 1.71 8.59 21.05
N LYS B 46 2.51 9.28 21.88
CA LYS B 46 3.97 9.35 21.67
C LYS B 46 4.65 7.97 21.57
N ASN B 47 4.07 6.99 22.26
CA ASN B 47 4.66 5.67 22.31
C ASN B 47 4.24 4.71 21.24
N LEU B 48 3.40 5.18 20.31
CA LEU B 48 2.87 4.32 19.24
C LEU B 48 4.00 3.69 18.45
N ARG B 49 3.93 2.38 18.22
CA ARG B 49 4.92 1.68 17.34
C ARG B 49 4.30 1.02 16.13
N PHE B 50 5.06 0.98 15.05
CA PHE B 50 4.68 0.18 13.86
C PHE B 50 5.91 -0.47 13.23
N GLY B 51 5.78 -1.77 12.92
CA GLY B 51 6.84 -2.56 12.33
C GLY B 51 8.02 -2.65 13.27
N GLY B 52 7.73 -2.72 14.57
CA GLY B 52 8.76 -2.77 15.62
C GLY B 52 9.48 -1.45 15.83
N SER B 53 8.95 -0.35 15.30
CA SER B 53 9.66 0.95 15.35
C SER B 53 8.78 2.12 15.87
N ASN B 54 9.35 2.98 16.74
CA ASN B 54 8.65 4.17 17.28
C ASN B 54 8.91 5.36 16.43
N GLU B 55 9.45 5.11 15.24
CA GLU B 55 9.62 6.17 14.29
C GLU B 55 8.27 6.75 13.87
N ALA B 56 8.33 7.94 13.29
CA ALA B 56 7.15 8.71 12.97
C ALA B 56 6.19 7.85 12.17
N TYR B 57 4.95 7.91 12.61
CA TYR B 57 3.82 7.04 12.13
C TYR B 57 2.40 7.60 12.42
N CYS B 58 1.51 7.41 11.47
CA CYS B 58 0.11 7.76 11.60
C CYS B 58 -0.80 6.60 11.20
N PHE B 59 -1.76 6.29 12.07
CA PHE B 59 -2.78 5.34 11.80
C PHE B 59 -4.03 6.15 11.76
N VAL B 60 -4.74 6.13 10.62
CA VAL B 60 -5.89 6.94 10.40
C VAL B 60 -7.07 5.97 10.34
N ARG B 61 -7.99 6.18 11.25
CA ARG B 61 -9.10 5.28 11.38
C ARG B 61 -10.38 6.06 11.11
N ILE B 62 -11.13 5.60 10.12
CA ILE B 62 -12.35 6.28 9.75
C ILE B 62 -13.52 5.32 10.06
N THR B 63 -14.39 5.74 10.99
CA THR B 63 -15.43 4.87 11.47
C THR B 63 -16.78 5.41 11.04
N SER B 64 -17.57 4.50 10.43
CA SER B 64 -19.03 4.66 10.27
C SER B 64 -19.43 5.95 9.57
N ILE B 65 -18.69 6.27 8.52
CA ILE B 65 -19.05 7.41 7.70
C ILE B 65 -19.75 6.91 6.43
N GLY B 66 -21.05 7.20 6.37
CA GLY B 66 -21.93 6.77 5.28
C GLY B 66 -21.59 7.24 3.88
N GLY B 67 -21.56 8.56 3.68
CA GLY B 67 -21.33 9.18 2.35
C GLY B 67 -20.08 8.70 1.58
N ILE B 68 -19.18 8.04 2.30
CA ILE B 68 -17.94 7.47 1.75
C ILE B 68 -18.12 6.03 1.29
N ASN B 69 -17.85 5.80 0.03
CA ASN B 69 -18.16 4.52 -0.57
C ASN B 69 -16.94 3.91 -1.19
N ARG B 70 -17.09 2.67 -1.63
CA ARG B 70 -16.02 1.98 -2.27
C ARG B 70 -15.76 2.91 -3.42
N SER B 71 -16.80 3.64 -3.82
CA SER B 71 -16.61 4.54 -4.97
C SER B 71 -15.56 5.65 -4.74
N ASN B 72 -15.29 5.97 -3.47
CA ASN B 72 -14.36 7.05 -3.13
C ASN B 72 -13.39 6.86 -1.95
N ASN B 73 -13.36 5.67 -1.36
CA ASN B 73 -12.50 5.43 -0.19
C ASN B 73 -11.03 5.54 -0.59
N SER B 74 -10.66 4.97 -1.73
CA SER B 74 -9.29 5.11 -2.28
C SER B 74 -8.80 6.55 -2.38
N ALA B 75 -9.59 7.42 -3.03
CA ALA B 75 -9.27 8.85 -3.18
C ALA B 75 -9.17 9.62 -1.83
N LEU B 76 -10.06 9.27 -0.91
CA LEU B 76 -10.06 9.84 0.44
C LEU B 76 -8.75 9.48 1.12
N ALA B 77 -8.41 8.20 1.07
CA ALA B 77 -7.16 7.71 1.63
C ALA B 77 -5.95 8.40 1.05
N ASP B 78 -5.94 8.64 -0.26
CA ASP B 78 -4.79 9.28 -0.87
C ASP B 78 -4.72 10.75 -0.43
N GLN B 79 -5.88 11.39 -0.37
CA GLN B 79 -5.93 12.80 0.01
C GLN B 79 -5.38 13.01 1.39
N ILE B 80 -5.83 12.15 2.32
CA ILE B 80 -5.45 12.27 3.71
C ILE B 80 -3.99 11.94 3.82
N THR B 81 -3.58 10.87 3.14
CA THR B 81 -2.17 10.49 3.18
C THR B 81 -1.25 11.66 2.77
N LYS B 82 -1.57 12.37 1.68
CA LYS B 82 -0.76 13.52 1.17
C LYS B 82 -0.75 14.71 2.18
N LEU B 83 -1.89 14.99 2.81
CA LEU B 83 -2.01 16.01 3.84
C LEU B 83 -1.14 15.70 5.07
N LEU B 84 -0.99 14.42 5.38
CA LEU B 84 -0.18 14.04 6.53
C LEU B 84 1.29 14.03 6.24
N VAL B 85 1.68 13.61 5.03
CA VAL B 85 3.10 13.73 4.71
C VAL B 85 3.50 15.20 4.75
N SER B 86 2.67 16.08 4.20
CA SER B 86 2.96 17.54 4.21
C SER B 86 3.03 18.02 5.63
N ASN B 87 2.00 17.73 6.41
CA ASN B 87 1.81 18.53 7.63
C ASN B 87 2.58 17.97 8.80
N LEU B 88 2.87 16.67 8.77
CA LEU B 88 3.54 16.03 9.90
C LEU B 88 4.95 15.56 9.59
N ASN B 89 5.36 15.61 8.32
CA ASN B 89 6.71 15.14 7.92
C ASN B 89 6.82 13.64 8.09
N VAL B 90 5.73 12.95 7.72
CA VAL B 90 5.71 11.49 7.83
C VAL B 90 5.88 10.85 6.45
N LYS B 91 6.63 9.75 6.38
CA LYS B 91 6.76 8.99 5.13
C LYS B 91 5.43 8.33 4.85
N SER B 92 4.97 8.41 3.60
CA SER B 92 3.72 7.78 3.13
C SER B 92 3.66 6.30 3.43
N ARG B 93 4.83 5.64 3.44
CA ARG B 93 4.98 4.21 3.86
C ARG B 93 4.54 3.98 5.29
N ARG B 94 4.54 5.04 6.08
CA ARG B 94 4.17 4.92 7.48
C ARG B 94 2.87 5.71 7.81
N ILE B 95 2.01 5.84 6.80
CA ILE B 95 0.69 6.34 7.07
C ILE B 95 -0.24 5.23 6.67
N TYR B 96 -0.98 4.70 7.65
CA TYR B 96 -1.88 3.65 7.31
C TYR B 96 -3.36 4.03 7.59
N VAL B 97 -4.18 3.96 6.55
CA VAL B 97 -5.60 4.34 6.63
C VAL B 97 -6.52 3.10 6.67
N GLU B 98 -7.37 2.99 7.67
CA GLU B 98 -8.30 1.91 7.66
C GLU B 98 -9.73 2.47 7.79
N PHE B 99 -10.71 1.86 7.10
CA PHE B 99 -12.14 2.18 7.22
C PHE B 99 -12.87 1.15 8.06
N ARG B 100 -13.41 1.51 9.20
CA ARG B 100 -14.10 0.53 10.02
C ARG B 100 -15.62 0.68 10.01
N ASP B 101 -16.25 -0.45 10.33
CA ASP B 101 -17.67 -0.61 10.58
C ASP B 101 -17.75 -1.16 12.01
N CYS B 102 -18.57 -0.56 12.85
CA CYS B 102 -18.91 -1.17 14.17
C CYS B 102 -20.43 -1.23 14.29
N SER B 103 -20.95 -2.23 15.00
CA SER B 103 -22.38 -2.26 15.34
C SER B 103 -22.76 -1.27 16.44
N ALA B 104 -24.02 -0.82 16.45
CA ALA B 104 -24.48 0.22 17.37
C ALA B 104 -25.92 0.05 17.91
N GLN B 105 -26.10 0.58 19.12
CA GLN B 105 -27.27 0.47 19.99
C GLN B 105 -27.71 -0.97 20.30
N ASN B 106 -28.69 -1.20 21.04
C1 GOL C . -6.23 0.65 -3.50
O1 GOL C . -6.98 1.85 -3.29
C2 GOL C . -4.91 0.70 -2.73
O2 GOL C . -4.65 1.91 -2.02
C3 GOL C . -3.72 0.24 -3.60
O3 GOL C . -2.80 1.30 -3.57
C1 GOL D . -9.05 1.30 2.04
O1 GOL D . -7.90 2.01 2.49
C2 GOL D . -9.01 1.23 0.52
O2 GOL D . -8.48 2.43 0.00
C3 GOL D . -10.31 0.75 -0.15
O3 GOL D . -10.13 -0.56 -0.69
#